data_5R1S
#
_entry.id   5R1S
#
_cell.length_a   88.524
_cell.length_b   82.679
_cell.length_c   92.376
_cell.angle_alpha   90.000
_cell.angle_beta   107.650
_cell.angle_gamma   90.000
#
_symmetry.space_group_name_H-M   'C 1 2 1'
#
loop_
_entity.id
_entity.type
_entity.pdbx_description
1 polymer 'Pre-mRNA-splicing factor 8'
2 polymer 'A1 cistron-splicing factor AAR2'
3 water water
#
loop_
_entity_poly.entity_id
_entity_poly.type
_entity_poly.pdbx_seq_one_letter_code
_entity_poly.pdbx_strand_id
1 'polypeptide(L)'
;GAMNSSNYAELFNNDIKLFVDDTNVYRVTVHKTFEGNVATKAINGCIFTLNPKTGHLFLKIIHTSVWAGQKRLSQLAKWK
TAEEVSALVRSLPKEEQPKQIIVTRKAMLDPLEVHMLDFPNIAIRPTELRLPFSAAMSIDKLSDVVMKATEPQMVLFNIY
DDWLDRISSYTAFSRLTLLLRALKTNEESAKMILLSDPTITIKSYHLWPSFTDEQWITIESQMRDLILTEYGRKYNVNIS
ALTQTEIKDIILGQNIKA
;
A
2 'polypeptide(L)'
;GAMAMNTVPFTSAPIEVTIGIDQYSFNVKENQPFHGIKDIPIGHVHVIHFQHADNSSMRYGYWFDCRMGNFYIQYDPKDG
LYKMMEERDGAKFENIVHNFKERQMMVSYPKIDEDDTWYNLTEFVQMDKIRKIVRKDENQFSYVDSSMTTVQENELSSSS
SDPAHSLNYTVINFKSREAIRPGHEMEDFLDKSYYLNTVMLQGIFKNSSNYFGELQFAFLNAMFFGNYGSSLQWHAMIEL
ICSSATVPKHMLDKLDEILYYQIKTLPEQYSDILLNERVWNICLYSSFQKNSLHNTEKIMENKYPELL
;
B
#
# COMPACT_ATOMS: atom_id res chain seq x y z
N GLY A 1 -5.68 -2.13 -15.90
CA GLY A 1 -4.46 -1.79 -15.20
C GLY A 1 -3.62 -0.79 -15.94
N ALA A 2 -2.37 -1.14 -16.21
CA ALA A 2 -1.45 -0.23 -16.86
C ALA A 2 -1.77 -0.11 -18.35
N MET A 3 -1.63 1.10 -18.88
CA MET A 3 -1.82 1.35 -20.31
C MET A 3 -0.55 1.01 -21.07
N ASN A 4 -0.68 0.20 -22.14
CA ASN A 4 0.43 -0.15 -23.03
C ASN A 4 -0.08 -0.37 -24.45
N SER A 5 0.76 -0.93 -25.32
CA SER A 5 0.41 -1.05 -26.73
C SER A 5 -0.76 -2.00 -26.98
N SER A 6 -1.04 -2.91 -26.05
CA SER A 6 -2.19 -3.78 -26.20
C SER A 6 -3.46 -2.96 -26.16
N ASN A 7 -3.73 -2.38 -24.98
CA ASN A 7 -4.96 -1.63 -24.73
C ASN A 7 -4.87 -0.17 -25.14
N TYR A 8 -4.46 0.03 -26.38
CA TYR A 8 -4.11 1.33 -26.93
C TYR A 8 -5.32 2.04 -27.52
N ALA A 9 -6.19 1.30 -28.22
CA ALA A 9 -7.38 1.90 -28.80
C ALA A 9 -8.45 2.26 -27.75
N GLU A 10 -8.30 1.81 -26.49
CA GLU A 10 -9.18 2.29 -25.42
C GLU A 10 -9.15 3.82 -25.31
N LEU A 11 -8.03 4.45 -25.63
CA LEU A 11 -7.99 5.88 -25.46
C LEU A 11 -9.09 6.58 -26.26
N PHE A 12 -9.63 5.89 -27.28
CA PHE A 12 -10.47 6.53 -28.28
C PHE A 12 -11.91 6.03 -28.22
N ASN A 13 -12.27 5.28 -27.18
CA ASN A 13 -13.66 4.91 -27.03
C ASN A 13 -14.35 6.13 -26.41
N ASN A 14 -15.57 5.95 -25.91
CA ASN A 14 -16.35 7.09 -25.45
C ASN A 14 -16.38 7.22 -23.94
N ASP A 15 -15.55 6.49 -23.21
CA ASP A 15 -15.27 6.78 -21.81
C ASP A 15 -14.32 7.98 -21.73
N ILE A 16 -14.76 9.08 -21.11
CA ILE A 16 -13.91 10.23 -20.84
C ILE A 16 -12.73 9.78 -20.00
N LYS A 17 -11.54 10.15 -20.42
CA LYS A 17 -10.30 9.90 -19.71
C LYS A 17 -9.36 11.04 -20.05
N LEU A 18 -8.43 11.31 -19.14
CA LEU A 18 -7.40 12.30 -19.35
C LEU A 18 -6.09 11.70 -18.96
N PHE A 19 -5.13 12.06 -19.75
CA PHE A 19 -3.73 11.99 -19.43
C PHE A 19 -3.26 13.16 -18.59
N VAL A 20 -2.39 12.86 -17.61
CA VAL A 20 -1.79 13.90 -16.80
C VAL A 20 -0.31 13.71 -16.93
N ASP A 21 0.42 14.71 -17.46
CA ASP A 21 1.87 14.66 -17.55
C ASP A 21 2.42 15.71 -16.59
N ASP A 22 3.26 15.29 -15.64
CA ASP A 22 3.79 16.21 -14.65
C ASP A 22 5.24 16.66 -14.90
N THR A 23 5.80 16.42 -16.08
N THR A 23 5.78 16.39 -16.09
CA THR A 23 7.25 16.63 -16.24
CA THR A 23 7.21 16.61 -16.34
C THR A 23 7.66 18.12 -16.22
C THR A 23 7.64 18.08 -16.22
N ASN A 24 6.78 19.04 -16.58
CA ASN A 24 7.16 20.46 -16.67
C ASN A 24 6.55 21.30 -15.54
N VAL A 25 6.10 20.62 -14.47
CA VAL A 25 5.54 21.24 -13.26
C VAL A 25 6.60 22.03 -12.50
N TYR A 26 7.72 21.41 -12.16
CA TYR A 26 8.81 22.04 -11.39
C TYR A 26 10.02 22.11 -12.35
N ARG A 27 10.34 23.34 -12.87
CA ARG A 27 11.41 23.55 -13.84
C ARG A 27 12.44 24.47 -13.21
N VAL A 28 13.73 24.12 -13.33
CA VAL A 28 14.77 24.98 -12.77
C VAL A 28 15.86 25.20 -13.82
N THR A 29 16.59 26.27 -13.62
CA THR A 29 17.90 26.44 -14.24
C THR A 29 18.94 26.26 -13.14
N VAL A 30 20.09 25.73 -13.50
CA VAL A 30 21.12 25.46 -12.51
C VAL A 30 22.32 26.38 -12.77
N HIS A 31 22.74 27.13 -11.75
CA HIS A 31 23.75 28.17 -11.90
C HIS A 31 24.72 28.15 -10.72
N LYS A 32 25.84 28.88 -10.86
CA LYS A 32 26.83 29.05 -9.80
C LYS A 32 26.62 30.32 -8.99
N THR A 33 26.87 30.24 -7.69
CA THR A 33 26.73 31.36 -6.78
C THR A 33 28.06 32.07 -6.70
N PHE A 34 28.04 33.25 -6.06
CA PHE A 34 29.26 34.05 -5.96
C PHE A 34 30.37 33.29 -5.27
N GLU A 35 30.03 32.51 -4.23
CA GLU A 35 31.02 31.71 -3.50
C GLU A 35 31.41 30.46 -4.25
N GLY A 36 30.74 30.17 -5.36
CA GLY A 36 31.04 29.05 -6.21
C GLY A 36 30.16 27.83 -6.01
N ASN A 37 29.17 27.90 -5.13
CA ASN A 37 28.26 26.80 -4.89
C ASN A 37 27.25 26.77 -6.02
N VAL A 38 26.52 25.70 -6.12
CA VAL A 38 25.49 25.59 -7.13
C VAL A 38 24.14 25.86 -6.47
N ALA A 39 23.30 26.55 -7.20
CA ALA A 39 21.95 26.92 -6.79
C ALA A 39 21.03 26.74 -7.99
N THR A 40 19.74 26.62 -7.71
CA THR A 40 18.73 26.49 -8.75
C THR A 40 17.92 27.77 -8.82
N LYS A 41 17.44 28.11 -10.00
CA LYS A 41 16.40 29.13 -10.14
C LYS A 41 15.18 28.51 -10.81
N ALA A 42 14.06 28.52 -10.12
CA ALA A 42 12.85 27.94 -10.69
C ALA A 42 12.27 28.88 -11.73
N ILE A 43 11.71 28.31 -12.77
CA ILE A 43 10.88 29.12 -13.65
C ILE A 43 9.46 28.59 -13.64
N ASN A 44 8.58 29.36 -14.24
CA ASN A 44 7.19 28.92 -14.31
C ASN A 44 7.07 27.55 -14.98
N GLY A 45 6.07 26.78 -14.55
CA GLY A 45 5.84 25.46 -15.18
C GLY A 45 4.39 25.23 -15.55
N CYS A 46 3.92 23.99 -15.81
CA CYS A 46 2.60 23.75 -16.39
C CYS A 46 2.29 22.30 -16.03
N ILE A 47 1.08 22.03 -15.58
CA ILE A 47 0.54 20.70 -15.65
C ILE A 47 -0.10 20.53 -17.02
N PHE A 48 0.23 19.38 -17.68
CA PHE A 48 -0.22 18.96 -19.00
C PHE A 48 -1.31 17.89 -18.76
N THR A 49 -2.57 18.29 -18.96
CA THR A 49 -3.74 17.45 -18.75
C THR A 49 -4.50 17.43 -20.08
N LEU A 50 -4.60 16.27 -20.68
CA LEU A 50 -5.10 16.17 -22.06
C LEU A 50 -6.15 15.10 -22.16
N ASN A 51 -7.27 15.44 -22.80
CA ASN A 51 -8.24 14.45 -23.28
C ASN A 51 -7.83 13.98 -24.70
N PRO A 52 -7.45 12.72 -24.87
CA PRO A 52 -6.88 12.31 -26.17
C PRO A 52 -7.92 12.03 -27.22
N LYS A 53 -9.18 11.94 -26.82
CA LYS A 53 -10.25 11.75 -27.76
C LYS A 53 -10.65 13.09 -28.35
N THR A 54 -10.74 14.13 -27.56
CA THR A 54 -11.27 15.37 -28.09
C THR A 54 -10.21 16.45 -28.39
N GLY A 55 -9.01 16.31 -27.82
CA GLY A 55 -7.92 17.29 -27.94
C GLY A 55 -7.94 18.37 -26.89
N HIS A 56 -8.91 18.36 -25.99
CA HIS A 56 -9.05 19.42 -25.04
C HIS A 56 -7.90 19.36 -24.08
N LEU A 57 -7.09 20.43 -24.07
CA LEU A 57 -5.92 20.54 -23.22
C LEU A 57 -6.27 21.50 -22.08
N PHE A 58 -6.11 21.03 -20.86
CA PHE A 58 -6.25 21.90 -19.68
C PHE A 58 -4.82 22.15 -19.18
N LEU A 59 -4.25 23.32 -19.56
CA LEU A 59 -2.85 23.65 -19.24
C LEU A 59 -2.85 24.51 -17.98
N LYS A 60 -2.52 23.89 -16.85
CA LYS A 60 -2.56 24.56 -15.53
C LYS A 60 -1.16 25.09 -15.29
N ILE A 61 -1.02 26.42 -15.40
CA ILE A 61 0.26 27.10 -15.29
C ILE A 61 0.67 27.20 -13.82
N ILE A 62 1.90 26.81 -13.54
CA ILE A 62 2.45 26.72 -12.19
C ILE A 62 3.42 27.88 -12.01
N HIS A 63 3.03 28.84 -11.19
CA HIS A 63 3.79 30.04 -10.98
C HIS A 63 4.87 29.79 -9.93
N THR A 64 6.02 30.42 -10.13
CA THR A 64 7.15 30.13 -9.27
C THR A 64 6.85 30.45 -7.83
N SER A 65 5.89 31.34 -7.56
CA SER A 65 5.55 31.71 -6.20
C SER A 65 5.15 30.49 -5.39
N VAL A 66 4.53 29.49 -6.01
N VAL A 66 4.55 29.48 -6.03
CA VAL A 66 4.04 28.32 -5.27
CA VAL A 66 4.06 28.30 -5.33
C VAL A 66 5.16 27.61 -4.51
C VAL A 66 5.16 27.66 -4.51
N TRP A 67 6.40 27.73 -4.99
CA TRP A 67 7.52 27.12 -4.31
C TRP A 67 8.09 27.96 -3.19
N ALA A 68 7.69 29.22 -3.08
CA ALA A 68 8.37 30.11 -2.16
C ALA A 68 8.29 29.54 -0.74
N GLY A 69 9.46 29.45 -0.11
CA GLY A 69 9.58 28.93 1.23
C GLY A 69 9.25 27.45 1.39
N GLN A 70 9.49 26.64 0.38
CA GLN A 70 9.13 25.23 0.47
C GLN A 70 10.36 24.34 0.29
N LYS A 71 10.34 23.19 0.94
CA LYS A 71 11.38 22.17 0.87
C LYS A 71 10.93 20.96 0.04
N ARG A 72 11.90 20.20 -0.45
CA ARG A 72 11.61 18.96 -1.17
C ARG A 72 10.63 19.22 -2.32
N LEU A 73 11.07 20.12 -3.19
CA LEU A 73 10.21 20.69 -4.21
C LEU A 73 9.83 19.66 -5.27
N SER A 74 10.78 18.83 -5.68
CA SER A 74 10.43 17.83 -6.65
C SER A 74 9.39 16.89 -6.04
N GLN A 75 9.49 16.62 -4.75
CA GLN A 75 8.38 15.88 -4.14
C GLN A 75 7.14 16.74 -4.02
N LEU A 76 7.28 18.01 -3.71
CA LEU A 76 6.04 18.76 -3.56
C LEU A 76 5.32 18.89 -4.91
N ALA A 77 6.07 19.05 -5.98
CA ALA A 77 5.51 19.21 -7.32
C ALA A 77 4.49 18.14 -7.67
N LYS A 78 4.72 16.95 -7.14
CA LYS A 78 3.86 15.82 -7.46
C LYS A 78 2.50 15.97 -6.80
N TRP A 79 2.50 16.39 -5.49
CA TRP A 79 1.32 16.73 -4.67
C TRP A 79 0.58 17.95 -5.22
N LYS A 80 1.30 18.99 -5.65
CA LYS A 80 0.61 20.15 -6.24
C LYS A 80 -0.06 19.76 -7.57
N THR A 81 0.59 18.85 -8.31
CA THR A 81 -0.03 18.30 -9.52
C THR A 81 -1.36 17.61 -9.22
N ALA A 82 -1.36 16.75 -8.22
CA ALA A 82 -2.58 16.04 -7.84
C ALA A 82 -3.63 16.99 -7.27
N GLU A 83 -3.21 17.97 -6.47
CA GLU A 83 -4.16 18.94 -5.96
C GLU A 83 -4.83 19.67 -7.13
N GLU A 84 -4.02 20.08 -8.10
CA GLU A 84 -4.57 20.82 -9.22
C GLU A 84 -5.41 19.92 -10.13
N VAL A 85 -5.05 18.64 -10.31
CA VAL A 85 -5.89 17.78 -11.14
C VAL A 85 -7.22 17.53 -10.47
N SER A 86 -7.19 17.26 -9.16
N SER A 86 -7.18 17.21 -9.17
CA SER A 86 -8.44 17.02 -8.44
CA SER A 86 -8.41 17.02 -8.39
C SER A 86 -9.34 18.25 -8.43
C SER A 86 -9.32 18.24 -8.48
N ALA A 87 -8.76 19.42 -8.24
CA ALA A 87 -9.54 20.66 -8.38
C ALA A 87 -10.15 20.79 -9.80
N LEU A 88 -9.40 20.45 -10.83
CA LEU A 88 -10.00 20.43 -12.18
C LEU A 88 -11.16 19.48 -12.24
N VAL A 89 -10.99 18.29 -11.66
CA VAL A 89 -12.09 17.37 -11.76
C VAL A 89 -13.29 17.90 -11.01
N ARG A 90 -13.09 18.37 -9.77
CA ARG A 90 -14.25 18.87 -9.00
C ARG A 90 -14.94 20.02 -9.70
N SER A 91 -14.21 20.76 -10.52
CA SER A 91 -14.79 21.95 -11.16
C SER A 91 -15.64 21.63 -12.35
N LEU A 92 -15.52 20.36 -12.86
CA LEU A 92 -16.20 19.91 -14.05
C LEU A 92 -17.57 19.35 -13.66
N PRO A 93 -18.56 19.66 -14.46
CA PRO A 93 -19.86 19.06 -14.24
C PRO A 93 -19.67 17.58 -14.26
N LYS A 94 -20.55 16.91 -13.54
CA LYS A 94 -20.47 15.46 -13.39
C LYS A 94 -20.34 14.76 -14.73
N GLU A 95 -21.24 15.07 -15.66
CA GLU A 95 -21.24 14.32 -16.89
C GLU A 95 -19.93 14.46 -17.64
N GLU A 96 -19.15 15.51 -17.38
CA GLU A 96 -17.81 15.72 -17.92
C GLU A 96 -16.64 15.14 -17.10
N GLN A 97 -16.82 14.77 -15.83
CA GLN A 97 -15.65 14.23 -15.14
C GLN A 97 -15.15 12.94 -15.77
N PRO A 98 -13.82 12.73 -15.79
CA PRO A 98 -13.24 11.55 -16.43
C PRO A 98 -13.58 10.34 -15.58
N LYS A 99 -13.62 9.17 -16.24
N LYS A 99 -13.64 9.17 -16.24
CA LYS A 99 -13.73 7.88 -15.57
CA LYS A 99 -13.72 7.91 -15.52
C LYS A 99 -12.36 7.28 -15.30
C LYS A 99 -12.34 7.33 -15.25
N GLN A 100 -11.34 7.70 -16.05
CA GLN A 100 -9.98 7.28 -15.81
C GLN A 100 -9.08 8.48 -15.94
N ILE A 101 -8.06 8.53 -15.10
CA ILE A 101 -6.96 9.44 -15.31
C ILE A 101 -5.67 8.66 -15.45
N ILE A 102 -4.93 8.88 -16.52
CA ILE A 102 -3.73 8.11 -16.76
C ILE A 102 -2.46 8.94 -16.54
N VAL A 103 -1.65 8.58 -15.53
CA VAL A 103 -0.51 9.43 -15.20
C VAL A 103 0.66 8.99 -16.05
N THR A 104 1.46 9.91 -16.50
CA THR A 104 2.51 9.46 -17.41
C THR A 104 3.72 8.98 -16.67
N ARG A 105 3.75 9.19 -15.37
CA ARG A 105 4.88 8.87 -14.51
C ARG A 105 4.27 8.24 -13.27
N LYS A 106 4.73 7.02 -13.01
CA LYS A 106 4.29 6.20 -11.89
C LYS A 106 4.36 6.93 -10.56
N ALA A 107 5.32 7.84 -10.35
CA ALA A 107 5.42 8.50 -9.05
C ALA A 107 4.17 9.32 -8.73
N MET A 108 3.31 9.57 -9.72
CA MET A 108 2.14 10.42 -9.49
C MET A 108 0.95 9.63 -8.98
N LEU A 109 1.02 8.31 -9.00
CA LEU A 109 -0.13 7.50 -8.65
C LEU A 109 -0.59 7.78 -7.22
N ASP A 110 0.36 7.77 -6.28
CA ASP A 110 -0.05 7.86 -4.87
C ASP A 110 -0.54 9.26 -4.56
N PRO A 111 0.10 10.33 -4.97
CA PRO A 111 -0.53 11.65 -4.72
C PRO A 111 -1.90 11.81 -5.37
N LEU A 112 -2.04 11.46 -6.64
CA LEU A 112 -3.33 11.56 -7.28
C LEU A 112 -4.34 10.73 -6.52
N GLU A 113 -3.99 9.45 -6.27
CA GLU A 113 -4.94 8.54 -5.60
C GLU A 113 -5.43 9.13 -4.30
N VAL A 114 -4.51 9.75 -3.54
CA VAL A 114 -4.88 10.31 -2.26
C VAL A 114 -5.74 11.53 -2.45
N HIS A 115 -5.43 12.35 -3.46
CA HIS A 115 -6.24 13.53 -3.76
C HIS A 115 -7.59 13.18 -4.38
N MET A 116 -7.71 12.02 -5.01
CA MET A 116 -8.97 11.70 -5.64
C MET A 116 -9.86 10.88 -4.73
N LEU A 117 -9.45 10.65 -3.48
CA LEU A 117 -10.25 9.84 -2.58
C LEU A 117 -11.74 10.18 -2.59
N ASP A 118 -12.12 11.42 -2.87
CA ASP A 118 -13.55 11.73 -2.97
C ASP A 118 -14.21 11.24 -4.26
N PHE A 119 -13.44 10.64 -5.17
CA PHE A 119 -13.92 10.15 -6.45
C PHE A 119 -13.45 8.70 -6.57
N PRO A 120 -13.94 7.82 -5.68
CA PRO A 120 -13.49 6.42 -5.70
C PRO A 120 -13.75 5.74 -7.02
N ASN A 121 -14.78 6.18 -7.75
CA ASN A 121 -15.15 5.60 -9.03
C ASN A 121 -14.38 6.16 -10.21
N ILE A 122 -13.37 7.02 -9.97
CA ILE A 122 -12.40 7.39 -11.00
C ILE A 122 -11.12 6.59 -10.83
N ALA A 123 -10.75 5.84 -11.85
CA ALA A 123 -9.60 4.97 -11.75
C ALA A 123 -8.39 5.79 -12.13
N ILE A 124 -7.38 5.73 -11.28
CA ILE A 124 -6.06 6.29 -11.56
C ILE A 124 -5.23 5.17 -12.10
N ARG A 125 -4.69 5.32 -13.33
CA ARG A 125 -3.88 4.31 -13.97
C ARG A 125 -2.48 4.79 -14.40
N PRO A 126 -1.47 3.98 -14.20
CA PRO A 126 -0.19 4.15 -14.89
C PRO A 126 -0.25 3.69 -16.34
N THR A 127 0.90 3.83 -16.99
CA THR A 127 1.05 3.51 -18.38
C THR A 127 2.47 3.00 -18.55
N GLU A 128 2.64 2.10 -19.50
N GLU A 128 2.65 2.10 -19.50
CA GLU A 128 3.95 1.63 -19.90
CA GLU A 128 3.99 1.70 -19.86
C GLU A 128 4.42 2.34 -21.17
C GLU A 128 4.44 2.39 -21.14
N LEU A 129 3.54 3.05 -21.86
CA LEU A 129 3.98 3.86 -22.99
C LEU A 129 4.98 4.93 -22.54
N ARG A 130 5.71 5.45 -23.54
CA ARG A 130 6.86 6.34 -23.41
C ARG A 130 6.45 7.69 -24.05
N LEU A 131 5.27 8.19 -23.68
CA LEU A 131 4.65 9.36 -24.33
C LEU A 131 5.54 10.61 -24.29
N PRO A 132 5.48 11.47 -25.33
CA PRO A 132 6.47 12.56 -25.37
C PRO A 132 6.00 13.93 -24.88
N PHE A 133 5.02 13.95 -23.92
CA PHE A 133 4.35 15.15 -23.44
C PHE A 133 5.32 16.11 -22.75
N SER A 134 6.53 15.68 -22.41
CA SER A 134 7.50 16.65 -21.88
C SER A 134 7.85 17.73 -22.91
N ALA A 135 7.71 17.43 -24.21
CA ALA A 135 8.07 18.38 -25.25
C ALA A 135 6.94 19.35 -25.52
N ALA A 136 5.89 19.28 -24.69
CA ALA A 136 4.86 20.30 -24.72
C ALA A 136 5.45 21.73 -24.74
N MET A 137 6.54 22.00 -24.00
CA MET A 137 7.08 23.37 -23.92
C MET A 137 7.95 23.76 -25.12
N SER A 138 8.09 22.85 -26.07
CA SER A 138 8.62 23.07 -27.40
C SER A 138 7.56 23.57 -28.37
N ILE A 139 6.27 23.53 -28.03
CA ILE A 139 5.24 24.20 -28.81
C ILE A 139 5.20 25.67 -28.41
N ASP A 140 5.57 26.53 -29.35
CA ASP A 140 5.88 27.92 -29.04
C ASP A 140 4.78 28.56 -28.22
N LYS A 141 3.54 28.46 -28.70
CA LYS A 141 2.49 29.15 -27.96
C LYS A 141 2.31 28.61 -26.53
N LEU A 142 2.55 27.33 -26.28
CA LEU A 142 2.39 26.89 -24.90
C LEU A 142 3.56 27.38 -24.04
N SER A 143 4.75 27.27 -24.57
CA SER A 143 5.86 27.81 -23.82
C SER A 143 5.66 29.29 -23.53
N ASP A 144 5.08 30.06 -24.46
CA ASP A 144 4.98 31.53 -24.28
C ASP A 144 4.05 31.92 -23.12
N VAL A 145 2.87 31.28 -23.10
CA VAL A 145 1.85 31.64 -22.14
C VAL A 145 2.26 31.18 -20.78
N VAL A 146 3.01 30.06 -20.72
CA VAL A 146 3.56 29.68 -19.43
C VAL A 146 4.58 30.73 -18.95
N MET A 147 5.54 31.05 -19.81
N MET A 147 5.52 31.08 -19.82
CA MET A 147 6.61 31.98 -19.47
CA MET A 147 6.60 31.95 -19.36
C MET A 147 6.07 33.34 -19.03
C MET A 147 6.12 33.36 -19.03
N LYS A 148 5.08 33.86 -19.74
CA LYS A 148 4.61 35.22 -19.46
C LYS A 148 3.78 35.35 -18.18
N ALA A 149 3.14 34.27 -17.73
CA ALA A 149 2.17 34.31 -16.61
C ALA A 149 2.73 34.90 -15.31
N THR A 150 1.90 35.65 -14.60
CA THR A 150 2.32 36.40 -13.41
C THR A 150 1.56 35.94 -12.18
N GLU A 151 0.72 34.91 -12.34
CA GLU A 151 -0.09 34.35 -11.28
C GLU A 151 -0.55 32.95 -11.70
N PRO A 152 -0.92 32.09 -10.76
CA PRO A 152 -1.55 30.82 -11.17
C PRO A 152 -2.67 31.11 -12.16
N GLN A 153 -2.80 30.25 -13.14
CA GLN A 153 -3.73 30.48 -14.22
C GLN A 153 -3.84 29.20 -15.02
N MET A 154 -5.06 28.91 -15.45
CA MET A 154 -5.42 27.81 -16.33
C MET A 154 -5.69 28.33 -17.73
N VAL A 155 -5.16 27.68 -18.74
CA VAL A 155 -5.43 28.05 -20.11
C VAL A 155 -5.92 26.86 -20.93
N LEU A 156 -7.10 27.00 -21.51
CA LEU A 156 -7.65 25.95 -22.37
C LEU A 156 -7.11 26.03 -23.78
N PHE A 157 -6.81 24.85 -24.33
CA PHE A 157 -6.44 24.72 -25.75
C PHE A 157 -7.08 23.48 -26.30
N ASN A 158 -7.27 23.50 -27.61
CA ASN A 158 -7.31 22.23 -28.36
C ASN A 158 -5.99 21.95 -29.08
N ILE A 159 -5.32 20.86 -28.64
CA ILE A 159 -3.97 20.47 -29.09
C ILE A 159 -4.08 19.87 -30.46
N TYR A 160 -5.30 19.58 -30.88
CA TYR A 160 -5.42 19.13 -32.28
C TYR A 160 -5.78 20.26 -33.26
N ASP A 161 -5.85 21.53 -32.86
CA ASP A 161 -6.42 22.56 -33.76
C ASP A 161 -7.73 22.03 -34.33
N ASP A 162 -7.90 22.02 -35.65
CA ASP A 162 -9.18 21.66 -36.27
C ASP A 162 -9.10 20.35 -37.05
N TRP A 163 -8.10 19.52 -36.72
CA TRP A 163 -7.83 18.26 -37.43
C TRP A 163 -9.00 17.30 -37.35
N LEU A 164 -9.68 17.26 -36.22
CA LEU A 164 -10.76 16.28 -36.06
C LEU A 164 -11.85 16.52 -37.08
N ASP A 165 -11.91 17.71 -37.67
CA ASP A 165 -12.89 17.98 -38.73
C ASP A 165 -12.64 17.13 -39.95
N ARG A 166 -11.48 16.46 -40.03
CA ARG A 166 -11.10 15.70 -41.22
C ARG A 166 -10.44 14.36 -40.91
N ILE A 167 -10.10 14.06 -39.64
CA ILE A 167 -9.45 12.80 -39.30
C ILE A 167 -9.98 12.34 -37.94
N SER A 168 -9.64 11.11 -37.58
CA SER A 168 -10.12 10.50 -36.36
C SER A 168 -9.18 10.76 -35.18
N SER A 169 -9.71 10.56 -33.97
N SER A 169 -9.70 10.56 -33.97
CA SER A 169 -8.92 10.75 -32.77
CA SER A 169 -8.89 10.80 -32.78
C SER A 169 -7.64 9.92 -32.84
C SER A 169 -7.65 9.92 -32.78
N TYR A 170 -7.78 8.65 -33.21
CA TYR A 170 -6.62 7.76 -33.32
C TYR A 170 -5.52 8.41 -34.14
N THR A 171 -5.89 8.88 -35.32
CA THR A 171 -4.95 9.52 -36.23
C THR A 171 -4.44 10.84 -35.64
N ALA A 172 -5.36 11.68 -35.13
CA ALA A 172 -5.01 12.91 -34.46
C ALA A 172 -3.95 12.67 -33.41
N PHE A 173 -4.17 11.68 -32.55
CA PHE A 173 -3.28 11.40 -31.43
C PHE A 173 -1.92 10.96 -31.94
N SER A 174 -1.89 10.10 -32.99
CA SER A 174 -0.62 9.68 -33.61
C SER A 174 0.12 10.86 -34.26
N ARG A 175 -0.56 11.71 -35.03
CA ARG A 175 0.16 12.88 -35.48
C ARG A 175 0.77 13.66 -34.30
N LEU A 176 -0.04 13.93 -33.27
CA LEU A 176 0.45 14.71 -32.16
C LEU A 176 1.70 14.08 -31.58
N THR A 177 1.62 12.80 -31.20
CA THR A 177 2.76 12.24 -30.50
C THR A 177 3.93 12.08 -31.42
N LEU A 178 3.69 11.97 -32.74
CA LEU A 178 4.83 11.93 -33.64
C LEU A 178 5.54 13.27 -33.65
N LEU A 179 4.78 14.32 -33.89
CA LEU A 179 5.33 15.66 -33.83
C LEU A 179 6.07 15.94 -32.52
N LEU A 180 5.50 15.52 -31.38
CA LEU A 180 6.21 15.79 -30.13
C LEU A 180 7.41 14.87 -29.94
N ARG A 181 7.28 13.62 -30.34
CA ARG A 181 8.45 12.77 -30.36
C ARG A 181 9.61 13.45 -31.07
N ALA A 182 9.35 13.94 -32.31
CA ALA A 182 10.41 14.63 -33.06
C ALA A 182 10.93 15.84 -32.32
N LEU A 183 10.03 16.56 -31.64
CA LEU A 183 10.42 17.79 -31.00
C LEU A 183 11.32 17.52 -29.83
N LYS A 184 11.08 16.39 -29.15
CA LYS A 184 11.89 15.96 -28.01
C LYS A 184 13.29 15.54 -28.47
N THR A 185 13.38 14.86 -29.61
N THR A 185 13.39 14.91 -29.63
CA THR A 185 14.68 14.28 -29.99
CA THR A 185 14.65 14.28 -30.00
C THR A 185 15.58 15.33 -30.60
C THR A 185 15.57 15.24 -30.70
N ASN A 186 15.02 16.25 -31.37
CA ASN A 186 15.84 17.28 -32.00
C ASN A 186 14.96 18.50 -32.25
N GLU A 187 14.83 19.34 -31.23
CA GLU A 187 13.91 20.45 -31.35
C GLU A 187 14.26 21.36 -32.52
N GLU A 188 15.54 21.70 -32.68
CA GLU A 188 15.93 22.65 -33.72
C GLU A 188 15.39 22.18 -35.04
N SER A 189 15.62 20.91 -35.36
CA SER A 189 15.28 20.39 -36.68
C SER A 189 13.78 20.18 -36.80
N ALA A 190 13.15 19.63 -35.76
CA ALA A 190 11.70 19.46 -35.84
C ALA A 190 11.05 20.80 -36.19
N LYS A 191 11.50 21.88 -35.54
CA LYS A 191 10.87 23.19 -35.72
C LYS A 191 11.19 23.72 -37.09
N MET A 192 12.45 23.56 -37.51
CA MET A 192 12.79 23.88 -38.88
CA MET A 192 12.82 23.85 -38.89
C MET A 192 11.80 23.24 -39.84
N ILE A 193 11.42 21.99 -39.59
CA ILE A 193 10.57 21.30 -40.53
C ILE A 193 9.17 21.89 -40.55
N LEU A 194 8.67 22.33 -39.42
CA LEU A 194 7.31 22.82 -39.37
C LEU A 194 7.14 24.20 -39.99
N LEU A 195 8.19 25.03 -39.93
CA LEU A 195 8.08 26.45 -40.21
C LEU A 195 8.87 26.87 -41.44
N SER A 196 9.58 25.96 -42.09
CA SER A 196 10.41 26.33 -43.23
C SER A 196 9.65 27.23 -44.20
N ASP A 197 8.48 26.79 -44.65
CA ASP A 197 7.75 27.48 -45.70
C ASP A 197 6.93 28.61 -45.07
N PRO A 198 7.28 29.89 -45.32
CA PRO A 198 6.57 30.97 -44.64
C PRO A 198 5.16 31.15 -45.13
N THR A 199 4.76 30.46 -46.16
CA THR A 199 3.44 30.62 -46.71
C THR A 199 2.42 29.71 -46.05
N ILE A 200 2.81 28.88 -45.10
CA ILE A 200 1.85 28.08 -44.34
C ILE A 200 1.94 28.58 -42.92
N THR A 201 0.86 29.18 -42.46
CA THR A 201 0.87 29.93 -41.20
C THR A 201 0.08 29.24 -40.09
N ILE A 202 0.16 29.80 -38.89
CA ILE A 202 -0.57 29.30 -37.73
C ILE A 202 -1.68 30.26 -37.45
N LYS A 203 -2.89 29.76 -37.41
CA LYS A 203 -4.02 30.62 -37.12
C LYS A 203 -3.90 31.15 -35.71
N SER A 204 -4.38 32.38 -35.51
CA SER A 204 -4.32 32.97 -34.19
C SER A 204 -4.90 32.01 -33.13
N TYR A 205 -5.87 31.18 -33.49
CA TYR A 205 -6.43 30.31 -32.45
C TYR A 205 -5.91 28.89 -32.46
N HIS A 206 -4.79 28.63 -33.10
CA HIS A 206 -4.24 27.30 -33.35
C HIS A 206 -2.83 27.21 -32.81
N LEU A 207 -2.38 25.99 -32.68
CA LEU A 207 -1.05 25.80 -32.16
C LEU A 207 -0.06 25.42 -33.24
N TRP A 208 -0.52 24.83 -34.31
CA TRP A 208 0.30 24.24 -35.36
C TRP A 208 -0.05 24.90 -36.68
N PRO A 209 0.72 24.69 -37.73
CA PRO A 209 0.40 25.36 -39.00
C PRO A 209 -0.78 24.71 -39.70
N SER A 210 -1.34 25.49 -40.63
CA SER A 210 -2.55 25.11 -41.38
C SER A 210 -2.17 24.38 -42.67
N PHE A 211 -1.54 23.23 -42.46
CA PHE A 211 -1.17 22.34 -43.55
C PHE A 211 -2.40 21.73 -44.22
N THR A 212 -2.32 21.55 -45.54
CA THR A 212 -3.29 20.76 -46.27
C THR A 212 -3.08 19.27 -45.97
N ASP A 213 -4.00 18.45 -46.46
CA ASP A 213 -3.90 17.01 -46.23
C ASP A 213 -2.66 16.47 -46.89
N GLU A 214 -2.40 16.92 -48.12
CA GLU A 214 -1.21 16.50 -48.82
C GLU A 214 0.02 16.94 -48.06
N GLN A 215 0.02 18.19 -47.54
CA GLN A 215 1.18 18.73 -46.83
C GLN A 215 1.42 18.03 -45.47
N TRP A 216 0.36 17.55 -44.82
CA TRP A 216 0.56 16.81 -43.58
C TRP A 216 1.30 15.50 -43.82
N ILE A 217 1.17 14.94 -45.02
CA ILE A 217 1.90 13.72 -45.34
C ILE A 217 3.39 14.00 -45.45
N THR A 218 3.76 15.02 -46.21
CA THR A 218 5.17 15.34 -46.33
C THR A 218 5.76 15.62 -44.96
N ILE A 219 5.01 16.30 -44.10
CA ILE A 219 5.48 16.64 -42.76
C ILE A 219 5.68 15.37 -41.93
N GLU A 220 4.65 14.52 -41.83
CA GLU A 220 4.79 13.30 -41.03
C GLU A 220 5.97 12.43 -41.51
N SER A 221 6.27 12.45 -42.81
N SER A 221 6.27 12.47 -42.81
CA SER A 221 7.39 11.63 -43.26
CA SER A 221 7.38 11.66 -43.32
C SER A 221 8.74 12.26 -42.93
C SER A 221 8.71 12.26 -42.91
N GLN A 222 8.82 13.59 -42.98
CA GLN A 222 10.01 14.28 -42.49
C GLN A 222 10.17 14.11 -40.97
N MET A 223 9.11 14.24 -40.18
CA MET A 223 9.24 13.89 -38.76
C MET A 223 9.78 12.47 -38.59
N ARG A 224 9.14 11.49 -39.24
N ARG A 224 9.15 11.50 -39.25
CA ARG A 224 9.61 10.12 -39.19
CA ARG A 224 9.63 10.11 -39.16
C ARG A 224 11.10 10.05 -39.48
C ARG A 224 11.11 10.04 -39.48
N ASP A 225 11.50 10.48 -40.68
CA ASP A 225 12.90 10.42 -41.06
CA ASP A 225 12.90 10.49 -41.09
C ASP A 225 13.81 11.05 -40.00
N LEU A 226 13.43 12.19 -39.41
CA LEU A 226 14.28 12.79 -38.40
C LEU A 226 14.47 11.83 -37.24
N ILE A 227 13.38 11.17 -36.81
CA ILE A 227 13.44 10.41 -35.58
C ILE A 227 14.39 9.24 -35.76
N LEU A 228 14.33 8.60 -36.91
CA LEU A 228 15.19 7.46 -37.21
C LEU A 228 16.63 7.87 -37.43
N THR A 229 16.85 9.07 -37.99
CA THR A 229 18.20 9.61 -38.09
C THR A 229 18.80 9.83 -36.71
N GLU A 230 18.01 10.44 -35.82
CA GLU A 230 18.52 10.74 -34.49
C GLU A 230 18.80 9.46 -33.73
N TYR A 231 18.05 8.37 -33.98
CA TYR A 231 18.30 7.13 -33.26
C TYR A 231 19.62 6.48 -33.71
N GLY A 232 19.79 6.36 -35.02
CA GLY A 232 21.09 5.98 -35.57
C GLY A 232 22.25 6.74 -34.94
N ARG A 233 22.15 8.06 -34.86
CA ARG A 233 23.23 8.85 -34.27
C ARG A 233 23.44 8.50 -32.80
N LYS A 234 22.36 8.30 -32.04
CA LYS A 234 22.56 8.07 -30.62
C LYS A 234 23.29 6.75 -30.38
N TYR A 235 22.96 5.72 -31.16
CA TYR A 235 23.49 4.38 -30.88
C TYR A 235 24.55 3.90 -31.85
N ASN A 236 24.89 4.69 -32.88
CA ASN A 236 25.75 4.23 -33.93
C ASN A 236 25.22 2.98 -34.60
N VAL A 237 24.02 3.03 -35.17
CA VAL A 237 23.50 1.88 -35.90
C VAL A 237 23.68 2.05 -37.43
N MET B 5 -1.44 -22.84 38.94
CA MET B 5 -1.28 -23.84 37.84
C MET B 5 -2.61 -24.48 37.45
N ASN B 6 -2.92 -24.45 36.15
CA ASN B 6 -4.16 -25.00 35.64
C ASN B 6 -3.94 -26.12 34.61
N THR B 7 -5.03 -26.83 34.35
CA THR B 7 -4.95 -28.04 33.55
C THR B 7 -6.00 -28.04 32.44
N VAL B 8 -5.63 -28.58 31.29
CA VAL B 8 -6.52 -28.82 30.17
C VAL B 8 -6.49 -30.31 29.84
N PRO B 9 -7.39 -31.11 30.32
CA PRO B 9 -7.42 -32.54 29.99
C PRO B 9 -7.97 -32.76 28.61
N PHE B 10 -7.60 -33.91 28.03
CA PHE B 10 -8.08 -34.40 26.73
C PHE B 10 -8.84 -35.68 26.99
N THR B 11 -10.10 -35.74 26.56
CA THR B 11 -10.87 -36.97 26.66
C THR B 11 -10.09 -38.15 26.07
N SER B 12 -9.53 -37.94 24.88
CA SER B 12 -8.80 -39.00 24.19
C SER B 12 -8.00 -38.39 23.07
N ALA B 13 -7.26 -39.26 22.38
CA ALA B 13 -6.48 -38.87 21.19
C ALA B 13 -6.70 -39.90 20.07
N PRO B 14 -7.82 -39.81 19.37
CA PRO B 14 -8.10 -40.85 18.37
C PRO B 14 -7.19 -40.82 17.16
N ILE B 15 -6.61 -39.67 16.81
CA ILE B 15 -5.82 -39.61 15.58
C ILE B 15 -4.46 -38.97 15.84
N GLU B 16 -3.48 -39.39 15.03
CA GLU B 16 -2.11 -38.90 15.13
C GLU B 16 -2.06 -37.42 14.80
N VAL B 17 -1.60 -36.63 15.75
CA VAL B 17 -1.63 -35.18 15.60
C VAL B 17 -0.44 -34.55 16.35
N THR B 18 0.03 -33.42 15.86
CA THR B 18 1.01 -32.64 16.61
C THR B 18 0.28 -31.57 17.41
N ILE B 19 0.42 -31.62 18.73
CA ILE B 19 -0.24 -30.69 19.61
C ILE B 19 0.73 -29.59 19.94
N GLY B 20 0.22 -28.38 19.96
CA GLY B 20 1.01 -27.23 20.35
C GLY B 20 0.35 -26.55 21.52
N ILE B 21 1.19 -26.00 22.42
CA ILE B 21 0.71 -25.21 23.52
C ILE B 21 1.65 -24.01 23.62
N ASP B 22 1.09 -22.82 23.38
CA ASP B 22 1.95 -21.65 23.30
C ASP B 22 3.04 -22.01 22.31
N GLN B 23 4.33 -21.68 22.56
CA GLN B 23 5.45 -21.97 21.68
C GLN B 23 6.03 -23.38 21.86
N TYR B 24 5.35 -24.28 22.56
CA TYR B 24 5.79 -25.65 22.75
C TYR B 24 4.92 -26.62 21.97
N SER B 25 5.46 -27.78 21.60
CA SER B 25 4.62 -28.71 20.86
C SER B 25 5.12 -30.14 21.01
N PHE B 26 4.20 -31.09 20.86
CA PHE B 26 4.52 -32.51 21.00
C PHE B 26 3.79 -33.36 19.98
N ASN B 27 4.43 -34.47 19.55
CA ASN B 27 3.82 -35.49 18.71
C ASN B 27 3.01 -36.47 19.55
N VAL B 28 1.77 -36.72 19.16
CA VAL B 28 0.89 -37.66 19.83
C VAL B 28 0.39 -38.69 18.81
N LYS B 29 0.67 -39.98 19.07
CA LYS B 29 0.35 -41.05 18.12
C LYS B 29 -1.10 -41.50 18.24
N GLU B 30 -1.66 -41.97 17.13
CA GLU B 30 -3.07 -42.39 17.05
C GLU B 30 -3.44 -43.35 18.18
N ASN B 31 -4.40 -42.95 19.02
CA ASN B 31 -4.82 -43.73 20.20
C ASN B 31 -3.67 -43.96 21.20
N GLN B 32 -2.74 -43.04 21.24
CA GLN B 32 -1.86 -43.01 22.38
C GLN B 32 -2.65 -42.54 23.59
N PRO B 33 -2.47 -43.19 24.77
CA PRO B 33 -3.07 -42.66 26.00
C PRO B 33 -2.49 -41.31 26.39
N PHE B 34 -3.07 -40.25 25.85
CA PHE B 34 -2.68 -38.88 26.14
C PHE B 34 -3.90 -38.24 26.76
N HIS B 35 -3.75 -37.68 27.96
CA HIS B 35 -4.93 -37.09 28.57
C HIS B 35 -4.79 -35.65 29.02
N GLY B 36 -3.77 -34.93 28.62
CA GLY B 36 -3.88 -33.49 28.68
C GLY B 36 -2.57 -32.79 29.01
N ILE B 37 -2.68 -31.51 29.33
CA ILE B 37 -1.55 -30.66 29.63
C ILE B 37 -1.77 -30.07 31.01
N LYS B 38 -0.78 -30.18 31.88
CA LYS B 38 -0.86 -29.74 33.25
C LYS B 38 0.19 -28.66 33.48
N ASP B 39 0.05 -27.99 34.61
CA ASP B 39 0.97 -26.93 35.07
C ASP B 39 1.02 -25.73 34.12
N ILE B 40 -0.09 -25.39 33.51
CA ILE B 40 -0.17 -24.19 32.66
C ILE B 40 -0.21 -22.94 33.56
N PRO B 41 0.70 -21.98 33.36
CA PRO B 41 0.74 -20.77 34.18
C PRO B 41 -0.57 -20.02 34.08
N ILE B 42 -1.23 -19.85 35.23
CA ILE B 42 -2.31 -18.88 35.35
C ILE B 42 -1.72 -17.49 35.22
N GLY B 43 -2.44 -16.62 34.54
CA GLY B 43 -2.09 -15.21 34.47
C GLY B 43 -1.88 -14.68 33.08
N HIS B 44 -1.70 -15.54 32.07
CA HIS B 44 -1.67 -15.10 30.69
C HIS B 44 -2.75 -15.80 29.88
N VAL B 45 -2.95 -15.28 28.69
N VAL B 45 -2.99 -15.24 28.68
CA VAL B 45 -3.73 -16.01 27.69
CA VAL B 45 -3.73 -16.03 27.69
C VAL B 45 -2.85 -17.11 27.11
C VAL B 45 -2.83 -17.16 27.21
N HIS B 46 -3.47 -18.20 26.69
CA HIS B 46 -2.76 -19.30 26.07
C HIS B 46 -3.42 -19.71 24.76
N VAL B 47 -2.75 -20.53 23.99
CA VAL B 47 -3.38 -21.05 22.80
C VAL B 47 -2.91 -22.49 22.64
N ILE B 48 -3.86 -23.40 22.44
N ILE B 48 -3.86 -23.40 22.50
CA ILE B 48 -3.59 -24.79 22.12
CA ILE B 48 -3.60 -24.79 22.14
C ILE B 48 -4.01 -25.08 20.68
C ILE B 48 -3.92 -24.97 20.66
N HIS B 49 -3.13 -25.78 19.95
CA HIS B 49 -3.30 -25.87 18.52
C HIS B 49 -2.91 -27.23 18.00
N PHE B 50 -3.37 -27.53 16.80
CA PHE B 50 -3.34 -28.90 16.31
C PHE B 50 -2.93 -28.86 14.86
N GLN B 51 -2.12 -29.85 14.47
CA GLN B 51 -1.84 -30.16 13.06
C GLN B 51 -1.92 -31.68 12.84
N HIS B 52 -2.98 -32.17 12.24
CA HIS B 52 -3.04 -33.60 11.99
C HIS B 52 -1.85 -34.13 11.18
N ALA B 53 -1.42 -35.35 11.52
CA ALA B 53 -0.38 -35.98 10.71
C ALA B 53 -0.82 -36.24 9.28
N ASP B 54 -2.12 -36.35 9.02
CA ASP B 54 -2.58 -36.60 7.66
C ASP B 54 -2.57 -35.32 6.85
N ASN B 55 -3.19 -34.28 7.37
CA ASN B 55 -3.40 -33.03 6.67
C ASN B 55 -2.43 -32.00 7.23
N SER B 56 -1.26 -31.90 6.63
CA SER B 56 -0.29 -30.91 7.09
C SER B 56 -0.79 -29.48 6.95
N SER B 57 -1.60 -29.19 5.91
CA SER B 57 -2.33 -27.92 5.86
C SER B 57 -3.24 -27.77 7.08
N MET B 58 -4.11 -26.76 7.07
N MET B 58 -4.17 -26.82 7.01
CA MET B 58 -5.04 -26.50 8.17
CA MET B 58 -4.99 -26.36 8.13
C MET B 58 -4.39 -26.78 9.53
C MET B 58 -4.43 -26.73 9.49
N ARG B 59 -3.63 -25.83 10.05
CA ARG B 59 -3.35 -25.79 11.47
C ARG B 59 -4.51 -25.02 12.11
N TYR B 60 -4.96 -25.43 13.30
CA TYR B 60 -6.11 -24.76 13.91
C TYR B 60 -5.89 -24.79 15.42
N GLY B 61 -6.63 -24.00 16.18
CA GLY B 61 -6.33 -23.89 17.60
C GLY B 61 -7.36 -23.05 18.34
N TYR B 62 -7.21 -23.05 19.66
CA TYR B 62 -8.11 -22.34 20.58
C TYR B 62 -7.31 -21.42 21.49
N TRP B 63 -7.74 -20.16 21.50
CA TRP B 63 -7.22 -19.18 22.42
C TRP B 63 -8.05 -19.23 23.69
N PHE B 64 -7.39 -19.16 24.85
CA PHE B 64 -8.15 -19.25 26.09
C PHE B 64 -7.41 -18.70 27.28
N ASP B 65 -8.13 -18.62 28.38
CA ASP B 65 -7.61 -18.14 29.65
C ASP B 65 -8.24 -18.95 30.77
N CYS B 66 -7.42 -19.64 31.56
CA CYS B 66 -7.97 -20.58 32.54
C CYS B 66 -8.84 -19.90 33.60
N ARG B 67 -8.48 -18.70 34.01
CA ARG B 67 -9.31 -17.90 34.91
C ARG B 67 -10.77 -17.81 34.49
N MET B 68 -11.08 -18.06 33.22
N MET B 68 -11.08 -18.08 33.23
CA MET B 68 -12.42 -17.87 32.72
CA MET B 68 -12.43 -17.88 32.73
C MET B 68 -13.24 -19.15 32.67
C MET B 68 -13.23 -19.15 32.67
N GLY B 69 -12.67 -20.27 33.10
CA GLY B 69 -13.44 -21.50 33.11
C GLY B 69 -12.54 -22.71 33.10
N ASN B 70 -13.18 -23.85 33.26
CA ASN B 70 -12.49 -25.13 33.16
C ASN B 70 -12.70 -25.68 31.76
N PHE B 71 -11.60 -25.83 31.01
CA PHE B 71 -11.66 -26.12 29.58
C PHE B 71 -10.93 -27.43 29.35
N TYR B 72 -11.35 -28.12 28.30
CA TYR B 72 -10.97 -29.49 27.98
C TYR B 72 -11.13 -29.75 26.48
N ILE B 73 -10.50 -30.83 26.02
CA ILE B 73 -10.38 -31.14 24.60
C ILE B 73 -10.95 -32.54 24.34
N GLN B 74 -11.88 -32.60 23.40
CA GLN B 74 -12.48 -33.84 22.94
C GLN B 74 -12.43 -33.84 21.43
N TYR B 75 -12.02 -34.97 20.86
CA TYR B 75 -12.07 -35.14 19.43
C TYR B 75 -13.50 -35.43 19.00
N ASP B 76 -13.92 -34.79 17.91
CA ASP B 76 -15.25 -34.97 17.30
C ASP B 76 -15.14 -35.70 15.99
N PRO B 77 -15.49 -36.97 15.91
CA PRO B 77 -15.23 -37.71 14.66
C PRO B 77 -16.13 -37.31 13.48
N LYS B 78 -17.27 -36.65 13.73
CA LYS B 78 -18.07 -36.18 12.59
C LYS B 78 -17.36 -35.02 11.91
N ASP B 79 -17.01 -34.00 12.71
CA ASP B 79 -16.31 -32.83 12.21
C ASP B 79 -14.83 -33.09 12.01
N GLY B 80 -14.33 -34.19 12.55
CA GLY B 80 -12.92 -34.52 12.35
C GLY B 80 -11.86 -33.56 12.85
N LEU B 81 -12.06 -32.97 14.03
CA LEU B 81 -11.06 -32.12 14.65
C LEU B 81 -11.23 -32.16 16.16
N TYR B 82 -10.11 -31.89 16.83
CA TYR B 82 -10.09 -31.62 18.26
C TYR B 82 -10.86 -30.31 18.58
N LYS B 83 -11.88 -30.44 19.42
CA LYS B 83 -12.65 -29.33 19.90
C LYS B 83 -12.40 -29.01 21.37
N MET B 84 -12.40 -27.71 21.64
CA MET B 84 -12.32 -27.17 23.00
C MET B 84 -13.75 -27.05 23.52
N MET B 85 -13.97 -27.53 24.75
CA MET B 85 -15.26 -27.42 25.41
C MET B 85 -15.08 -27.01 26.86
N GLU B 86 -16.15 -26.42 27.42
CA GLU B 86 -16.21 -26.00 28.81
C GLU B 86 -17.03 -26.99 29.64
N GLU B 87 -16.45 -27.42 30.74
CA GLU B 87 -17.17 -28.20 31.73
C GLU B 87 -17.71 -27.23 32.77
N ARG B 88 -19.02 -27.15 32.90
CA ARG B 88 -19.55 -26.22 33.88
C ARG B 88 -19.62 -26.80 35.29
N ASP B 89 -19.61 -28.13 35.44
CA ASP B 89 -19.68 -28.83 36.71
C ASP B 89 -18.32 -28.76 37.38
N GLY B 90 -18.19 -27.87 38.36
CA GLY B 90 -16.94 -27.74 39.08
C GLY B 90 -16.36 -29.03 39.59
N ALA B 91 -17.13 -29.78 40.37
CA ALA B 91 -16.61 -30.99 40.99
C ALA B 91 -16.17 -31.98 39.92
N LYS B 92 -17.06 -32.32 38.99
CA LYS B 92 -16.79 -33.37 38.01
C LYS B 92 -15.52 -33.11 37.23
N PHE B 93 -15.09 -31.85 37.16
CA PHE B 93 -13.90 -31.48 36.41
C PHE B 93 -12.63 -31.77 37.19
N GLU B 94 -12.54 -31.28 38.43
CA GLU B 94 -11.40 -31.62 39.29
C GLU B 94 -11.25 -33.14 39.45
N ASN B 95 -12.35 -33.88 39.28
CA ASN B 95 -12.34 -35.33 39.46
C ASN B 95 -11.63 -36.02 38.30
N ILE B 96 -11.94 -35.62 37.07
CA ILE B 96 -11.27 -36.18 35.90
C ILE B 96 -9.80 -35.76 35.91
N VAL B 97 -9.53 -34.49 36.21
CA VAL B 97 -8.15 -34.00 36.21
C VAL B 97 -7.31 -34.73 37.24
N HIS B 98 -7.80 -34.84 38.48
CA HIS B 98 -7.03 -35.53 39.51
C HIS B 98 -6.75 -36.99 39.14
N ASN B 99 -7.74 -37.68 38.58
CA ASN B 99 -7.54 -39.08 38.19
C ASN B 99 -6.44 -39.21 37.14
N PHE B 100 -6.49 -38.40 36.07
CA PHE B 100 -5.54 -38.53 34.97
C PHE B 100 -4.12 -38.17 35.40
N LYS B 101 -3.98 -37.11 36.19
CA LYS B 101 -2.68 -36.74 36.72
C LYS B 101 -2.18 -37.78 37.72
N GLU B 102 -3.09 -38.38 38.51
CA GLU B 102 -2.66 -39.51 39.32
C GLU B 102 -2.22 -40.66 38.41
N ARG B 103 -2.93 -40.86 37.29
CA ARG B 103 -2.49 -41.81 36.28
C ARG B 103 -1.32 -41.29 35.43
N GLN B 104 -0.95 -40.01 35.60
CA GLN B 104 0.23 -39.38 35.00
C GLN B 104 0.21 -39.42 33.49
N MET B 105 -0.97 -39.48 32.89
CA MET B 105 -1.08 -39.51 31.45
C MET B 105 -1.01 -38.13 30.85
N MET B 106 -0.45 -37.15 31.58
CA MET B 106 -0.46 -35.75 31.16
C MET B 106 0.94 -35.15 31.04
N VAL B 107 1.16 -34.36 30.01
CA VAL B 107 2.44 -33.68 29.83
C VAL B 107 2.36 -32.39 30.62
N SER B 108 3.48 -31.96 31.20
CA SER B 108 3.62 -30.71 31.94
C SER B 108 4.02 -29.52 31.05
N TYR B 109 3.32 -28.41 31.21
CA TYR B 109 3.70 -27.21 30.47
C TYR B 109 5.17 -26.86 30.74
N PRO B 110 6.06 -27.02 29.78
CA PRO B 110 7.49 -27.11 30.12
C PRO B 110 8.22 -25.77 30.14
N LYS B 111 7.93 -24.99 31.18
CA LYS B 111 8.45 -23.64 31.29
C LYS B 111 9.79 -23.66 32.01
N ILE B 112 10.85 -23.25 31.30
CA ILE B 112 12.08 -22.79 31.93
C ILE B 112 11.81 -21.47 32.63
N ASP B 113 12.32 -21.32 33.86
CA ASP B 113 11.93 -20.16 34.68
C ASP B 113 12.73 -18.90 34.38
N GLU B 114 13.88 -19.00 33.71
CA GLU B 114 14.54 -17.82 33.16
C GLU B 114 13.75 -17.22 32.01
N ASP B 115 12.88 -18.01 31.38
CA ASP B 115 12.25 -17.66 30.12
C ASP B 115 11.01 -16.80 30.35
N ASP B 116 11.11 -15.56 29.92
CA ASP B 116 9.93 -14.71 29.88
C ASP B 116 9.36 -14.60 28.47
N THR B 117 9.71 -15.53 27.58
CA THR B 117 9.26 -15.46 26.18
C THR B 117 7.75 -15.40 26.04
N TRP B 118 7.02 -16.34 26.64
CA TRP B 118 5.58 -16.29 26.45
C TRP B 118 5.03 -14.99 26.95
N TYR B 119 5.53 -14.51 28.10
CA TYR B 119 5.05 -13.25 28.65
C TYR B 119 5.35 -12.12 27.70
N ASN B 120 6.53 -12.12 27.11
CA ASN B 120 6.86 -11.02 26.22
C ASN B 120 5.98 -11.02 24.96
N LEU B 121 5.57 -12.18 24.47
CA LEU B 121 4.76 -12.21 23.25
C LEU B 121 3.29 -11.88 23.50
N THR B 122 2.81 -12.14 24.72
CA THR B 122 1.43 -11.92 25.10
C THR B 122 1.16 -10.75 26.04
N GLU B 123 2.17 -9.97 26.43
CA GLU B 123 2.02 -8.91 27.41
C GLU B 123 0.72 -8.16 27.28
N PHE B 124 0.41 -7.64 26.08
CA PHE B 124 -0.80 -6.84 25.90
C PHE B 124 -2.01 -7.60 25.34
N VAL B 125 -1.97 -8.91 25.27
CA VAL B 125 -3.10 -9.64 24.72
C VAL B 125 -4.06 -9.94 25.87
N GLN B 126 -5.29 -9.46 25.75
N GLN B 126 -5.27 -9.40 25.76
CA GLN B 126 -6.32 -9.69 26.75
CA GLN B 126 -6.38 -9.61 26.67
C GLN B 126 -7.45 -10.48 26.10
C GLN B 126 -7.39 -10.56 26.02
N MET B 127 -7.92 -11.48 26.83
CA MET B 127 -8.88 -12.42 26.28
C MET B 127 -10.14 -11.72 25.85
N ASP B 128 -10.54 -10.65 26.54
CA ASP B 128 -11.77 -9.99 26.16
C ASP B 128 -11.65 -9.37 24.76
N LYS B 129 -10.49 -8.79 24.46
CA LYS B 129 -10.25 -8.22 23.15
C LYS B 129 -10.18 -9.29 22.06
N ILE B 130 -9.69 -10.49 22.39
CA ILE B 130 -9.68 -11.59 21.44
C ILE B 130 -11.10 -11.93 20.99
N ARG B 131 -12.08 -11.92 21.92
CA ARG B 131 -13.42 -12.36 21.61
C ARG B 131 -14.20 -11.33 20.84
N LYS B 132 -13.66 -10.11 20.71
CA LYS B 132 -14.20 -9.14 19.77
C LYS B 132 -13.63 -9.30 18.35
N ILE B 133 -12.49 -9.95 18.19
CA ILE B 133 -11.95 -10.28 16.89
C ILE B 133 -12.46 -11.62 16.40
N VAL B 134 -12.53 -12.62 17.28
CA VAL B 134 -13.20 -13.86 16.92
C VAL B 134 -14.54 -13.88 17.65
N ARG B 135 -15.56 -13.29 17.04
CA ARG B 135 -16.86 -13.20 17.65
C ARG B 135 -17.51 -14.58 17.57
N LYS B 136 -17.63 -15.25 18.72
CA LYS B 136 -18.47 -16.45 18.88
C LYS B 136 -18.88 -16.59 20.34
N ASP B 137 -19.75 -15.72 20.81
CA ASP B 137 -19.85 -15.47 22.25
C ASP B 137 -20.60 -16.54 23.04
N GLU B 138 -20.91 -17.69 22.44
CA GLU B 138 -21.31 -18.84 23.23
C GLU B 138 -20.12 -19.60 23.81
N ASN B 139 -18.89 -19.17 23.53
CA ASN B 139 -17.70 -19.86 23.98
C ASN B 139 -16.73 -18.87 24.58
N GLN B 140 -16.21 -19.23 25.75
CA GLN B 140 -15.25 -18.39 26.45
C GLN B 140 -13.87 -18.43 25.84
N PHE B 141 -13.58 -19.42 25.00
CA PHE B 141 -12.37 -19.58 24.22
C PHE B 141 -12.64 -19.21 22.76
N SER B 142 -11.57 -19.01 21.97
CA SER B 142 -11.73 -18.60 20.57
C SER B 142 -11.02 -19.54 19.62
N TYR B 143 -11.71 -19.96 18.57
CA TYR B 143 -11.12 -20.80 17.52
C TYR B 143 -10.52 -19.96 16.38
N VAL B 144 -9.29 -20.30 16.01
CA VAL B 144 -8.63 -19.78 14.83
C VAL B 144 -8.05 -20.93 14.00
N ASP B 145 -8.13 -20.78 12.66
CA ASP B 145 -7.38 -21.69 11.79
C ASP B 145 -6.59 -20.99 10.69
N SER B 146 -5.86 -21.81 9.94
CA SER B 146 -5.03 -21.36 8.82
C SER B 146 -5.84 -20.62 7.75
N SER B 147 -7.08 -21.00 7.54
CA SER B 147 -7.81 -20.51 6.38
C SER B 147 -8.74 -19.33 6.67
N MET B 148 -8.95 -18.92 7.94
CA MET B 148 -9.88 -17.82 8.20
C MET B 148 -9.39 -16.53 7.56
N THR B 149 -10.33 -15.75 7.01
CA THR B 149 -10.07 -14.45 6.42
C THR B 149 -10.41 -13.34 7.39
N THR B 150 -9.86 -12.16 7.12
CA THR B 150 -10.14 -10.95 7.91
C THR B 150 -11.28 -10.13 7.30
N VAL B 151 -11.77 -9.14 8.04
CA VAL B 151 -12.87 -8.30 7.54
C VAL B 151 -12.42 -7.48 6.34
N GLN B 152 -11.20 -6.94 6.38
CA GLN B 152 -10.67 -6.16 5.25
C GLN B 152 -10.45 -7.02 4.02
N GLU B 153 -10.11 -8.29 4.21
CA GLU B 153 -10.01 -9.19 3.06
C GLU B 153 -11.40 -9.48 2.49
N ASN B 154 -12.44 -9.40 3.32
CA ASN B 154 -13.81 -9.66 2.88
C ASN B 154 -14.41 -8.51 2.08
N GLU B 155 -13.82 -7.32 2.19
CA GLU B 155 -14.25 -6.18 1.40
C GLU B 155 -13.70 -6.26 -0.02
N LEU B 156 -12.54 -6.90 -0.21
CA LEU B 156 -11.93 -6.99 -1.54
C LEU B 156 -11.75 -8.42 -2.09
N SER B 161 -16.05 -14.53 2.74
CA SER B 161 -17.35 -13.92 2.53
C SER B 161 -18.33 -14.18 3.70
N ASP B 162 -18.15 -15.31 4.41
CA ASP B 162 -19.02 -15.64 5.54
C ASP B 162 -18.59 -14.88 6.78
N PRO B 163 -19.37 -13.89 7.24
CA PRO B 163 -18.92 -13.06 8.37
C PRO B 163 -18.89 -13.77 9.73
N ALA B 164 -19.48 -14.96 9.85
CA ALA B 164 -19.45 -15.67 11.13
C ALA B 164 -18.03 -16.06 11.49
N HIS B 165 -17.27 -16.47 10.48
CA HIS B 165 -15.90 -16.95 10.59
C HIS B 165 -14.88 -15.84 10.34
N SER B 166 -15.25 -14.60 10.52
CA SER B 166 -14.35 -13.52 10.20
C SER B 166 -13.40 -13.23 11.36
N LEU B 167 -12.18 -12.82 11.03
CA LEU B 167 -11.27 -12.19 12.00
C LEU B 167 -11.54 -10.71 11.92
N ASN B 168 -12.15 -10.15 12.97
N ASN B 168 -12.14 -10.15 12.98
CA ASN B 168 -12.59 -8.76 12.95
CA ASN B 168 -12.58 -8.75 12.98
C ASN B 168 -11.50 -7.82 13.49
C ASN B 168 -11.48 -7.82 13.50
N TYR B 169 -10.33 -7.89 12.84
CA TYR B 169 -9.24 -6.95 13.08
C TYR B 169 -9.67 -5.51 12.74
N THR B 170 -8.98 -4.55 13.35
CA THR B 170 -9.21 -3.15 13.07
C THR B 170 -8.67 -2.82 11.69
N VAL B 171 -9.49 -2.17 10.88
CA VAL B 171 -9.16 -1.86 9.49
C VAL B 171 -8.29 -0.61 9.46
N ILE B 172 -7.08 -0.78 8.95
CA ILE B 172 -6.11 0.25 8.64
C ILE B 172 -5.96 0.36 7.13
N ASN B 173 -5.91 1.60 6.63
CA ASN B 173 -5.84 1.81 5.18
C ASN B 173 -5.27 3.22 5.02
N PHE B 174 -4.02 3.30 4.54
CA PHE B 174 -3.28 4.51 4.36
C PHE B 174 -3.86 5.41 3.30
N LYS B 175 -4.58 4.84 2.35
CA LYS B 175 -5.21 5.61 1.31
C LYS B 175 -6.71 5.63 1.50
N SER B 176 -7.16 6.22 2.60
CA SER B 176 -8.58 6.26 2.87
C SER B 176 -8.94 7.59 3.52
N ARG B 177 -10.22 7.93 3.47
CA ARG B 177 -10.66 9.17 4.08
C ARG B 177 -10.36 9.16 5.56
N GLU B 178 -10.55 8.02 6.20
CA GLU B 178 -10.23 7.90 7.62
C GLU B 178 -8.81 8.35 7.91
N ALA B 179 -7.86 7.97 7.03
CA ALA B 179 -6.44 8.25 7.26
C ALA B 179 -5.98 9.63 6.81
N ILE B 180 -6.75 10.32 5.97
CA ILE B 180 -6.28 11.51 5.28
C ILE B 180 -7.26 12.66 5.50
N ARG B 181 -6.83 13.65 6.26
CA ARG B 181 -7.68 14.81 6.46
C ARG B 181 -7.79 15.63 5.18
N PRO B 182 -8.99 16.02 4.73
CA PRO B 182 -9.09 16.92 3.58
C PRO B 182 -8.26 18.18 3.77
N GLY B 183 -7.37 18.44 2.82
CA GLY B 183 -6.52 19.61 2.84
C GLY B 183 -5.13 19.36 3.37
N HIS B 184 -4.98 18.34 4.20
CA HIS B 184 -3.68 17.89 4.65
C HIS B 184 -3.27 16.61 3.91
N GLU B 185 -3.74 16.48 2.66
CA GLU B 185 -3.47 15.28 1.88
C GLU B 185 -2.01 14.88 1.95
N MET B 186 -1.11 15.75 1.52
CA MET B 186 0.28 15.34 1.42
C MET B 186 0.85 15.04 2.79
N GLU B 187 0.62 15.96 3.73
CA GLU B 187 1.16 15.86 5.08
C GLU B 187 0.70 14.58 5.78
N ASP B 188 -0.55 14.22 5.63
CA ASP B 188 -1.01 13.06 6.39
C ASP B 188 -0.48 11.75 5.79
N PHE B 189 -0.13 11.74 4.53
CA PHE B 189 0.21 10.46 3.92
C PHE B 189 1.69 10.21 3.96
N LEU B 190 2.47 11.22 4.28
CA LEU B 190 3.88 11.06 4.54
C LEU B 190 4.19 10.96 6.01
N ASP B 191 3.35 11.56 6.84
CA ASP B 191 3.46 11.58 8.30
C ASP B 191 2.11 11.12 8.83
N LYS B 192 2.04 9.84 9.18
CA LYS B 192 0.79 9.22 9.60
C LYS B 192 0.39 9.55 11.03
N SER B 193 1.13 10.46 11.70
CA SER B 193 0.95 10.70 13.12
C SER B 193 -0.46 10.92 13.50
N TYR B 194 -1.22 11.68 12.62
N TYR B 194 -1.18 11.73 12.61
N TYR B 194 -1.20 11.70 12.63
CA TYR B 194 -2.59 11.98 12.98
CA TYR B 194 -2.60 12.02 12.78
CA TYR B 194 -2.60 11.99 12.93
C TYR B 194 -3.46 10.74 12.90
C TYR B 194 -3.39 10.73 12.89
C TYR B 194 -3.42 10.72 12.92
N TYR B 195 -3.22 9.88 11.89
CA TYR B 195 -3.97 8.66 11.75
C TYR B 195 -3.68 7.75 12.94
N LEU B 196 -2.40 7.63 13.32
CA LEU B 196 -2.05 6.84 14.50
C LEU B 196 -2.64 7.42 15.78
N ASN B 197 -2.28 8.68 16.10
CA ASN B 197 -2.49 9.18 17.46
C ASN B 197 -3.92 9.57 17.72
N THR B 198 -4.56 10.26 16.78
CA THR B 198 -5.90 10.76 17.02
C THR B 198 -6.93 9.74 16.58
N VAL B 199 -6.82 9.27 15.35
CA VAL B 199 -7.82 8.35 14.84
C VAL B 199 -7.69 7.00 15.52
N MET B 200 -6.49 6.47 15.53
CA MET B 200 -6.38 5.09 16.00
C MET B 200 -6.17 4.97 17.51
N LEU B 201 -5.11 5.61 18.04
CA LEU B 201 -4.82 5.52 19.48
C LEU B 201 -5.96 6.13 20.33
N GLN B 202 -6.28 7.42 20.11
N GLN B 202 -6.25 7.43 20.15
CA GLN B 202 -7.28 8.11 20.94
CA GLN B 202 -7.29 8.09 20.93
C GLN B 202 -8.72 7.82 20.52
C GLN B 202 -8.69 7.66 20.51
N GLY B 203 -9.00 7.74 19.22
CA GLY B 203 -10.29 7.29 18.73
C GLY B 203 -10.64 5.84 18.98
N ILE B 204 -9.99 4.89 18.31
CA ILE B 204 -10.51 3.52 18.24
C ILE B 204 -9.93 2.61 19.34
N PHE B 205 -8.62 2.57 19.48
CA PHE B 205 -8.03 1.65 20.44
C PHE B 205 -8.07 2.18 21.87
N LYS B 206 -8.28 3.49 22.05
CA LYS B 206 -8.36 4.12 23.36
C LYS B 206 -6.99 4.23 24.02
N ASN B 207 -6.12 3.23 23.89
CA ASN B 207 -4.80 3.31 24.54
C ASN B 207 -3.82 2.42 23.80
N SER B 208 -2.53 2.61 24.10
CA SER B 208 -1.51 1.89 23.32
C SER B 208 -1.51 0.41 23.64
N SER B 209 -2.07 0.02 24.78
CA SER B 209 -2.00 -1.37 25.20
C SER B 209 -2.95 -2.23 24.38
N ASN B 210 -4.17 -1.77 24.14
CA ASN B 210 -5.04 -2.48 23.20
C ASN B 210 -4.48 -2.50 21.77
N TYR B 211 -3.93 -1.39 21.31
CA TYR B 211 -3.22 -1.41 20.06
C TYR B 211 -2.19 -2.55 20.06
N PHE B 212 -1.18 -2.47 20.93
CA PHE B 212 -0.17 -3.49 21.02
C PHE B 212 -0.75 -4.89 21.16
N GLY B 213 -1.85 -5.03 21.91
CA GLY B 213 -2.43 -6.35 22.06
C GLY B 213 -2.93 -6.94 20.76
N GLU B 214 -3.51 -6.10 19.91
CA GLU B 214 -3.98 -6.62 18.63
C GLU B 214 -2.79 -6.93 17.73
N LEU B 215 -1.86 -5.99 17.65
CA LEU B 215 -0.60 -6.25 16.98
C LEU B 215 -0.02 -7.60 17.41
N GLN B 216 -0.04 -7.91 18.69
CA GLN B 216 0.66 -9.11 19.08
C GLN B 216 -0.15 -10.38 18.82
N PHE B 217 -1.46 -10.27 19.06
CA PHE B 217 -2.39 -11.31 18.63
C PHE B 217 -2.28 -11.61 17.14
N ALA B 218 -2.15 -10.57 16.33
CA ALA B 218 -2.04 -10.78 14.89
C ALA B 218 -0.78 -11.55 14.55
N PHE B 219 0.37 -11.18 15.18
CA PHE B 219 1.62 -11.89 14.89
C PHE B 219 1.48 -13.40 15.18
N LEU B 220 0.82 -13.74 16.31
CA LEU B 220 0.80 -15.08 16.83
C LEU B 220 -0.11 -15.95 15.99
N ASN B 221 -1.18 -15.36 15.47
CA ASN B 221 -2.01 -16.09 14.52
C ASN B 221 -1.26 -16.34 13.20
N ALA B 222 -0.52 -15.35 12.72
CA ALA B 222 0.36 -15.58 11.58
C ALA B 222 1.36 -16.71 11.85
N MET B 223 1.98 -16.72 13.03
CA MET B 223 3.03 -17.68 13.31
C MET B 223 2.47 -19.07 13.55
N PHE B 224 1.41 -19.16 14.33
CA PHE B 224 0.99 -20.51 14.69
C PHE B 224 0.09 -21.13 13.63
N PHE B 225 -0.63 -20.31 12.86
CA PHE B 225 -1.48 -20.84 11.83
C PHE B 225 -1.12 -20.38 10.44
N GLY B 226 -0.05 -19.60 10.27
CA GLY B 226 0.30 -19.13 8.95
C GLY B 226 -0.93 -18.46 8.40
N ASN B 227 -1.67 -17.76 9.26
CA ASN B 227 -2.87 -17.06 8.83
C ASN B 227 -2.41 -15.84 8.07
N TYR B 228 -2.58 -15.85 6.75
CA TYR B 228 -1.95 -14.85 5.91
C TYR B 228 -2.52 -13.47 6.19
N GLY B 229 -3.82 -13.39 6.48
CA GLY B 229 -4.44 -12.13 6.82
C GLY B 229 -3.97 -11.57 8.15
N SER B 230 -3.60 -12.46 9.11
CA SER B 230 -3.02 -11.96 10.36
C SER B 230 -1.68 -11.32 10.10
N SER B 231 -0.88 -11.92 9.20
CA SER B 231 0.43 -11.38 8.84
C SER B 231 0.30 -9.95 8.29
N LEU B 232 -0.69 -9.74 7.41
CA LEU B 232 -0.97 -8.42 6.86
C LEU B 232 -1.29 -7.45 7.97
N GLN B 233 -2.20 -7.86 8.87
CA GLN B 233 -2.59 -6.96 9.95
C GLN B 233 -1.39 -6.58 10.78
N TRP B 234 -0.53 -7.54 11.12
CA TRP B 234 0.65 -7.27 11.96
C TRP B 234 1.55 -6.25 11.30
N HIS B 235 1.83 -6.44 10.02
CA HIS B 235 2.70 -5.46 9.37
C HIS B 235 2.09 -4.07 9.24
N ALA B 236 0.82 -4.00 8.87
CA ALA B 236 0.10 -2.73 8.87
C ALA B 236 0.22 -2.02 10.22
N MET B 237 0.10 -2.72 11.32
CA MET B 237 0.12 -2.02 12.61
C MET B 237 1.53 -1.54 12.89
N ILE B 238 2.52 -2.27 12.41
CA ILE B 238 3.90 -1.80 12.51
C ILE B 238 4.13 -0.59 11.58
N GLU B 239 3.74 -0.70 10.30
CA GLU B 239 4.02 0.39 9.37
C GLU B 239 3.47 1.73 9.89
N LEU B 240 2.24 1.69 10.39
CA LEU B 240 1.59 2.90 10.91
C LEU B 240 2.43 3.58 11.97
N ILE B 241 2.97 2.85 12.93
CA ILE B 241 3.82 3.53 13.90
C ILE B 241 5.10 4.06 13.22
N CYS B 242 5.80 3.18 12.50
CA CYS B 242 7.11 3.53 11.96
C CYS B 242 6.97 4.64 10.96
N SER B 243 5.86 4.67 10.26
CA SER B 243 5.60 5.79 9.40
C SER B 243 5.03 7.01 10.16
N SER B 244 5.26 7.22 11.44
CA SER B 244 4.69 8.39 12.13
C SER B 244 5.82 9.14 12.79
N ALA B 245 6.01 10.40 12.41
CA ALA B 245 7.08 11.17 13.02
C ALA B 245 6.89 11.44 14.49
N THR B 246 5.67 11.32 15.01
CA THR B 246 5.40 11.76 16.36
C THR B 246 4.73 10.61 17.10
N VAL B 247 5.50 9.91 17.92
CA VAL B 247 5.01 8.75 18.64
C VAL B 247 5.42 8.86 20.10
N PRO B 248 4.48 8.59 21.07
CA PRO B 248 4.89 8.55 22.48
C PRO B 248 6.17 7.75 22.66
N LYS B 249 7.13 8.36 23.38
CA LYS B 249 8.43 7.74 23.57
C LYS B 249 8.28 6.41 24.27
N HIS B 250 7.26 6.27 25.11
CA HIS B 250 7.07 4.97 25.75
C HIS B 250 6.66 3.91 24.75
N MET B 251 5.90 4.30 23.71
CA MET B 251 5.40 3.31 22.76
C MET B 251 6.51 2.81 21.86
N LEU B 252 7.47 3.69 21.53
CA LEU B 252 8.61 3.29 20.74
C LEU B 252 9.44 2.25 21.49
N ASP B 253 9.69 2.49 22.76
CA ASP B 253 10.57 1.58 23.49
C ASP B 253 9.88 0.24 23.74
N LYS B 254 8.56 0.25 23.97
CA LYS B 254 7.85 -1.01 24.05
C LYS B 254 7.82 -1.73 22.70
N LEU B 255 7.66 -1.00 21.60
CA LEU B 255 7.56 -1.67 20.29
C LEU B 255 8.84 -2.41 19.97
N ASP B 256 9.99 -1.77 20.25
CA ASP B 256 11.27 -2.44 20.03
C ASP B 256 11.34 -3.74 20.81
N GLU B 257 10.84 -3.76 22.09
CA GLU B 257 10.77 -5.04 22.82
C GLU B 257 9.83 -6.04 22.15
N ILE B 258 8.62 -5.60 21.81
CA ILE B 258 7.65 -6.48 21.18
C ILE B 258 8.21 -7.16 19.92
N LEU B 259 8.76 -6.37 19.01
CA LEU B 259 9.27 -6.93 17.76
C LEU B 259 10.46 -7.83 18.02
N TYR B 260 11.29 -7.50 19.01
CA TYR B 260 12.48 -8.28 19.26
C TYR B 260 12.11 -9.73 19.48
N TYR B 261 11.11 -9.91 20.34
CA TYR B 261 10.68 -11.19 20.83
C TYR B 261 9.87 -11.93 19.77
N GLN B 262 9.19 -11.18 18.89
CA GLN B 262 8.50 -11.80 17.77
C GLN B 262 9.49 -12.32 16.75
N ILE B 263 10.41 -11.46 16.34
CA ILE B 263 11.47 -11.89 15.44
C ILE B 263 12.28 -12.99 16.09
N LYS B 264 12.50 -12.94 17.41
CA LYS B 264 13.29 -14.02 18.03
C LYS B 264 12.59 -15.40 17.99
N THR B 265 11.28 -15.43 18.23
CA THR B 265 10.55 -16.67 18.33
C THR B 265 10.21 -17.25 16.95
N LEU B 266 10.28 -16.45 15.92
CA LEU B 266 9.87 -16.96 14.62
C LEU B 266 10.73 -18.14 14.15
N PRO B 267 10.12 -19.20 13.60
CA PRO B 267 10.92 -20.25 12.96
C PRO B 267 11.79 -19.68 11.86
N GLU B 268 13.05 -20.12 11.84
CA GLU B 268 14.01 -19.60 10.87
C GLU B 268 13.57 -19.88 9.45
N GLN B 269 12.91 -21.02 9.23
CA GLN B 269 12.60 -21.44 7.87
C GLN B 269 11.40 -20.70 7.28
N TYR B 270 10.61 -19.98 8.08
CA TYR B 270 9.43 -19.30 7.56
C TYR B 270 9.64 -17.82 7.28
N SER B 271 10.87 -17.33 7.44
CA SER B 271 11.13 -15.91 7.26
C SER B 271 10.68 -15.40 5.90
N ASP B 272 10.32 -16.26 4.95
CA ASP B 272 10.08 -15.79 3.59
C ASP B 272 8.66 -15.31 3.39
N ILE B 273 7.68 -15.92 4.05
CA ILE B 273 6.30 -15.53 3.83
C ILE B 273 5.79 -14.65 4.96
N LEU B 274 6.39 -14.81 6.15
CA LEU B 274 5.93 -14.12 7.34
C LEU B 274 6.50 -12.71 7.51
N LEU B 275 7.57 -12.34 6.79
CA LEU B 275 8.25 -11.05 6.90
C LEU B 275 8.21 -10.27 5.59
N ASN B 276 7.52 -9.16 5.61
CA ASN B 276 7.35 -8.34 4.43
C ASN B 276 8.55 -7.44 4.24
N GLU B 277 9.31 -7.73 3.19
CA GLU B 277 10.55 -7.01 2.91
C GLU B 277 10.36 -5.48 2.92
N ARG B 278 9.36 -4.99 2.20
CA ARG B 278 9.21 -3.55 2.14
C ARG B 278 8.98 -2.95 3.52
N VAL B 279 8.02 -3.50 4.28
CA VAL B 279 7.68 -2.87 5.56
C VAL B 279 8.91 -2.81 6.43
N TRP B 280 9.70 -3.88 6.43
CA TRP B 280 10.74 -3.98 7.43
C TRP B 280 11.90 -3.07 7.10
N ASN B 281 12.25 -2.96 5.81
CA ASN B 281 13.28 -2.01 5.40
C ASN B 281 12.85 -0.57 5.61
N ILE B 282 11.56 -0.30 5.38
CA ILE B 282 10.98 1.01 5.65
C ILE B 282 11.03 1.31 7.13
N CYS B 283 10.67 0.35 7.98
CA CYS B 283 10.69 0.65 9.40
C CYS B 283 12.11 0.79 9.92
N LEU B 284 13.03 0.01 9.42
CA LEU B 284 14.31 0.00 10.09
C LEU B 284 15.30 1.01 9.55
N TYR B 285 15.13 1.43 8.29
CA TYR B 285 16.12 2.20 7.57
C TYR B 285 15.59 3.43 6.88
N SER B 286 14.30 3.50 6.53
CA SER B 286 13.73 4.67 5.86
C SER B 286 12.80 5.50 6.73
N SER B 287 12.13 4.89 7.70
CA SER B 287 11.08 5.59 8.43
C SER B 287 11.69 6.60 9.40
N PHE B 288 10.82 7.48 9.90
CA PHE B 288 11.03 8.34 11.06
C PHE B 288 11.67 7.59 12.21
N GLN B 289 11.30 6.31 12.33
CA GLN B 289 11.66 5.48 13.47
C GLN B 289 12.84 4.55 13.22
N LYS B 290 13.55 4.73 12.11
CA LYS B 290 14.77 3.99 11.84
C LYS B 290 15.71 3.88 13.03
N ASN B 291 15.86 4.98 13.75
CA ASN B 291 16.81 5.06 14.86
C ASN B 291 16.26 4.58 16.19
N SER B 292 15.04 4.07 16.23
CA SER B 292 14.35 3.80 17.50
C SER B 292 14.06 2.33 17.72
N LEU B 293 14.68 1.44 16.96
CA LEU B 293 14.37 0.01 17.08
C LEU B 293 15.70 -0.74 17.13
N HIS B 294 16.48 -0.33 18.12
CA HIS B 294 17.86 -0.78 18.19
C HIS B 294 17.90 -2.27 18.41
N ASN B 295 17.08 -2.76 19.32
CA ASN B 295 17.05 -4.18 19.55
C ASN B 295 16.49 -4.91 18.34
N THR B 296 15.37 -4.43 17.81
CA THR B 296 14.80 -5.14 16.68
C THR B 296 15.74 -5.08 15.50
N GLU B 297 16.37 -3.93 15.25
CA GLU B 297 17.34 -3.81 14.15
C GLU B 297 18.47 -4.85 14.28
N LYS B 298 19.09 -4.90 15.46
CA LYS B 298 20.20 -5.82 15.67
C LYS B 298 19.77 -7.27 15.49
N ILE B 299 18.62 -7.66 15.99
CA ILE B 299 18.31 -9.06 15.78
C ILE B 299 18.09 -9.33 14.31
N MET B 300 17.33 -8.46 13.64
CA MET B 300 17.03 -8.69 12.22
C MET B 300 18.30 -8.89 11.40
N GLU B 301 19.28 -8.00 11.58
CA GLU B 301 20.53 -8.04 10.82
C GLU B 301 21.31 -9.35 11.04
N ASN B 302 21.56 -9.72 12.30
CA ASN B 302 22.40 -10.89 12.53
C ASN B 302 21.72 -12.21 12.16
N LYS B 303 20.38 -12.24 12.10
CA LYS B 303 19.61 -13.45 11.94
C LYS B 303 19.05 -13.59 10.55
N TYR B 304 18.59 -12.49 9.95
CA TYR B 304 18.05 -12.49 8.60
C TYR B 304 18.67 -11.39 7.75
N PRO B 305 20.00 -11.33 7.66
CA PRO B 305 20.60 -10.29 6.80
C PRO B 305 20.12 -10.36 5.36
N GLU B 306 19.68 -11.53 4.91
CA GLU B 306 19.29 -11.69 3.50
C GLU B 306 18.14 -10.77 3.16
N LEU B 307 17.08 -10.81 3.97
CA LEU B 307 15.89 -10.05 3.62
C LEU B 307 16.18 -8.56 3.43
N LEU B 308 17.32 -8.07 3.90
CA LEU B 308 17.63 -6.67 3.80
C LEU B 308 18.91 -6.52 2.98
#